data_2X4D
#
_entry.id   2X4D
#
_cell.length_a   59.210
_cell.length_b   39.410
_cell.length_c   112.920
_cell.angle_alpha   90.00
_cell.angle_beta   91.79
_cell.angle_gamma   90.00
#
_symmetry.space_group_name_H-M   'P 1 21 1'
#
loop_
_entity.id
_entity.type
_entity.pdbx_description
1 polymer 'PHOSPHOLYSINE PHOSPHOHISTIDINE INORGANIC PYROPHOSPHATE PHOSPHATASE'
2 non-polymer 'PYROPHOSPHATE 2-'
3 non-polymer 'MAGNESIUM ION'
4 non-polymer '4-(2-HYDROXYETHYL)-1-PIPERAZINE ETHANESULFONIC ACID'
5 non-polymer GLYCEROL
6 water water
#
_entity_poly.entity_id   1
_entity_poly.type   'polypeptide(L)'
_entity_poly.pdbx_seq_one_letter_code
;SMAPWGKRLAGVRGVLLDISGVLYDSGAGGGTAIAGSVEAVARLKRSRLKVRFCTNESAASRAELVGQLQRLGFDISEQE
VTAPAPAACQILKERGLRPYLLIHDGVRSEFDQIDTSNPNCVVIADAGESFSYQNMNNAFQVLMELEKPVLISLGKGRYY
AATSGLMLDVGPYMKALEYACGIKAEVVGKPSPEFFKSALQAIGVEAHQAVMIGDDIVGDVGGAQRCGMRALQVRTGKFR
PSDEHHPEVKADGYVDNLAEAVDLLLQHADK
;
_entity_poly.pdbx_strand_id   A,B
#
# COMPACT_ATOMS: atom_id res chain seq x y z
N SER A 1 17.71 24.12 -19.02
CA SER A 1 18.84 24.23 -18.00
C SER A 1 18.24 24.76 -16.70
N MET A 2 19.05 25.24 -15.75
CA MET A 2 18.57 25.69 -14.40
C MET A 2 19.25 27.00 -14.03
N ALA A 3 18.62 27.80 -13.18
CA ALA A 3 19.28 28.97 -12.59
C ALA A 3 20.66 28.53 -12.05
N PRO A 4 21.62 29.44 -11.98
CA PRO A 4 22.94 29.12 -11.41
C PRO A 4 22.80 28.47 -10.06
N TRP A 5 23.60 27.44 -9.77
CA TRP A 5 23.54 26.83 -8.45
C TRP A 5 23.71 27.83 -7.31
N GLY A 6 24.52 28.86 -7.54
CA GLY A 6 24.69 29.93 -6.56
C GLY A 6 23.45 30.74 -6.21
N LYS A 7 22.58 30.98 -7.17
CA LYS A 7 21.25 31.55 -6.87
C LYS A 7 20.36 30.50 -6.16
N ARG A 8 20.37 29.28 -6.68
CA ARG A 8 19.46 28.23 -6.21
C ARG A 8 19.78 27.84 -4.73
N LEU A 9 21.05 27.91 -4.34
CA LEU A 9 21.46 27.58 -2.96
C LEU A 9 21.78 28.79 -2.08
N ALA A 10 21.44 29.99 -2.55
CA ALA A 10 21.71 31.23 -1.79
C ALA A 10 20.89 31.23 -0.51
N GLY A 11 21.57 31.52 0.60
CA GLY A 11 20.88 31.72 1.89
C GLY A 11 20.59 30.43 2.66
N VAL A 12 21.07 29.29 2.20
CA VAL A 12 20.78 28.02 2.87
C VAL A 12 21.66 27.96 4.08
N ARG A 13 21.07 27.78 5.27
CA ARG A 13 21.80 27.71 6.55
C ARG A 13 21.62 26.33 7.18
N GLY A 14 20.59 25.64 6.75
CA GLY A 14 20.29 24.29 7.27
C GLY A 14 19.98 23.22 6.28
N VAL A 15 20.33 21.98 6.64
CA VAL A 15 20.16 20.85 5.76
C VAL A 15 19.37 19.73 6.46
N LEU A 16 18.27 19.27 5.87
CA LEU A 16 17.53 18.10 6.36
C LEU A 16 17.90 16.95 5.42
N LEU A 17 18.35 15.84 5.97
CA LEU A 17 18.80 14.77 5.17
C LEU A 17 17.86 13.56 5.37
N ASP A 18 17.39 13.01 4.29
CA ASP A 18 16.82 11.68 4.26
C ASP A 18 18.00 10.72 4.54
N ILE A 19 17.72 9.52 5.05
CA ILE A 19 18.75 8.52 5.34
C ILE A 19 18.81 7.44 4.28
N SER A 20 17.78 6.62 4.17
CA SER A 20 17.81 5.51 3.22
C SER A 20 17.79 6.06 1.81
N GLY A 21 18.72 5.61 0.98
CA GLY A 21 18.81 6.10 -0.40
C GLY A 21 19.68 7.32 -0.58
N VAL A 22 20.14 7.88 0.54
CA VAL A 22 20.91 9.11 0.56
C VAL A 22 22.26 8.81 1.26
N LEU A 23 22.22 8.37 2.53
CA LEU A 23 23.41 7.86 3.21
C LEU A 23 23.70 6.42 2.91
N TYR A 24 22.65 5.58 2.95
CA TYR A 24 22.82 4.13 2.87
C TYR A 24 21.61 3.42 2.25
N ASP A 25 21.85 2.20 1.80
CA ASP A 25 20.77 1.31 1.46
C ASP A 25 20.80 0.11 2.38
N SER A 26 19.64 -0.17 3.00
CA SER A 26 19.48 -1.25 3.96
C SER A 26 19.53 -2.61 3.34
N GLY A 27 19.62 -3.66 4.16
CA GLY A 27 19.72 -5.05 3.67
C GLY A 27 20.23 -5.94 4.80
N ALA A 28 20.32 -7.22 4.55
CA ALA A 28 20.76 -8.21 5.53
C ALA A 28 22.14 -7.84 6.12
N GLY A 29 22.25 -7.77 7.44
CA GLY A 29 23.54 -7.46 8.09
C GLY A 29 23.92 -5.98 8.09
N GLY A 30 22.92 -5.10 7.97
CA GLY A 30 23.09 -3.70 8.38
C GLY A 30 23.30 -2.72 7.25
N GLY A 31 23.27 -3.23 6.03
CA GLY A 31 23.16 -2.37 4.88
C GLY A 31 24.50 -1.93 4.32
N THR A 32 24.46 -0.96 3.40
CA THR A 32 25.65 -0.57 2.67
C THR A 32 25.66 0.95 2.49
N ALA A 33 26.79 1.60 2.85
CA ALA A 33 26.93 3.08 2.64
C ALA A 33 26.97 3.39 1.17
N ILE A 34 26.30 4.46 0.78
CA ILE A 34 26.40 4.98 -0.56
C ILE A 34 27.75 5.66 -0.69
N ALA A 35 28.49 5.40 -1.76
CA ALA A 35 29.83 5.92 -1.93
C ALA A 35 29.82 7.44 -1.80
N GLY A 36 30.77 7.96 -1.04
CA GLY A 36 30.93 9.39 -0.84
C GLY A 36 30.06 9.99 0.25
N SER A 37 29.07 9.24 0.73
CA SER A 37 28.10 9.78 1.68
C SER A 37 28.65 9.84 3.09
N VAL A 38 29.47 8.87 3.52
CA VAL A 38 30.09 9.04 4.86
C VAL A 38 30.89 10.37 4.95
N GLU A 39 31.71 10.64 3.95
CA GLU A 39 32.60 11.82 3.99
C GLU A 39 31.76 13.08 3.79
N ALA A 40 30.65 12.95 3.06
CA ALA A 40 29.76 14.10 2.81
C ALA A 40 29.13 14.61 4.11
N VAL A 41 28.64 13.68 4.90
CA VAL A 41 28.13 14.01 6.24
C VAL A 41 29.24 14.64 7.09
N ALA A 42 30.44 14.05 7.09
CA ALA A 42 31.54 14.62 7.84
C ALA A 42 31.80 16.09 7.44
N ARG A 43 31.85 16.32 6.14
CA ARG A 43 32.08 17.66 5.61
C ARG A 43 30.98 18.62 6.05
N LEU A 44 29.75 18.13 6.08
CA LEU A 44 28.62 18.96 6.54
C LEU A 44 28.73 19.32 8.03
N LYS A 45 29.08 18.34 8.84
CA LYS A 45 29.21 18.52 10.27
C LYS A 45 30.30 19.53 10.55
N ARG A 46 31.40 19.44 9.79
CA ARG A 46 32.53 20.36 9.92
C ARG A 46 32.11 21.78 9.50
N SER A 47 31.25 21.92 8.50
CA SER A 47 30.81 23.25 8.09
C SER A 47 29.93 23.97 9.10
N ARG A 48 29.59 25.20 8.81
CA ARG A 48 28.71 25.98 9.67
C ARG A 48 27.22 25.64 9.39
N LEU A 49 26.95 24.87 8.37
CA LEU A 49 25.56 24.40 8.07
C LEU A 49 25.04 23.55 9.22
N LYS A 50 23.78 23.76 9.57
CA LYS A 50 23.11 22.93 10.57
C LYS A 50 22.53 21.71 9.86
N VAL A 51 22.59 20.57 10.52
CA VAL A 51 22.23 19.32 9.92
C VAL A 51 21.24 18.56 10.80
N ARG A 52 20.14 18.14 10.16
CA ARG A 52 19.13 17.32 10.78
C ARG A 52 18.77 16.15 9.84
N PHE A 53 18.66 14.97 10.40
CA PHE A 53 18.21 13.81 9.62
C PHE A 53 16.69 13.71 9.80
N CYS A 54 15.99 13.70 8.69
CA CYS A 54 14.52 13.70 8.65
C CYS A 54 14.14 12.43 7.88
N THR A 55 13.79 11.37 8.62
CA THR A 55 13.67 10.01 8.09
C THR A 55 12.27 9.48 8.40
N ASN A 56 11.75 8.65 7.50
CA ASN A 56 10.54 7.87 7.82
C ASN A 56 10.89 6.48 8.35
N GLU A 57 12.17 6.22 8.55
CA GLU A 57 12.59 4.90 9.02
C GLU A 57 11.69 4.39 10.14
N SER A 58 11.11 3.21 9.92
CA SER A 58 10.25 2.57 10.90
C SER A 58 10.42 1.04 11.01
N ALA A 59 11.37 0.44 10.26
CA ALA A 59 11.67 -0.99 10.40
C ALA A 59 12.58 -1.26 11.64
N ALA A 60 13.40 -0.28 11.97
CA ALA A 60 14.29 -0.30 13.13
C ALA A 60 14.04 0.96 13.97
N SER A 61 14.23 0.81 15.29
CA SER A 61 14.22 1.93 16.21
C SER A 61 15.36 2.90 15.87
N ARG A 62 15.28 4.13 16.36
CA ARG A 62 16.33 5.09 16.16
C ARG A 62 17.67 4.62 16.69
N ALA A 63 17.69 3.98 17.87
CA ALA A 63 18.95 3.51 18.43
C ALA A 63 19.57 2.51 17.51
N GLU A 64 18.75 1.59 17.01
CA GLU A 64 19.23 0.51 16.13
C GLU A 64 19.70 1.09 14.80
N LEU A 65 18.93 2.01 14.24
CA LEU A 65 19.29 2.66 12.98
C LEU A 65 20.60 3.46 13.14
N VAL A 66 20.67 4.27 14.18
CA VAL A 66 21.88 5.06 14.47
C VAL A 66 23.11 4.17 14.72
N GLY A 67 22.95 3.08 15.45
CA GLY A 67 24.00 2.08 15.58
C GLY A 67 24.44 1.58 14.19
N GLN A 68 23.49 1.24 13.33
CA GLN A 68 23.88 0.64 12.02
C GLN A 68 24.72 1.66 11.23
N LEU A 69 24.29 2.90 11.24
CA LEU A 69 24.96 3.94 10.50
C LEU A 69 26.38 4.27 11.03
N GLN A 70 26.51 4.37 12.36
CA GLN A 70 27.77 4.56 13.01
C GLN A 70 28.76 3.45 12.65
N ARG A 71 28.25 2.21 12.60
CA ARG A 71 29.06 1.09 12.21
C ARG A 71 29.52 1.12 10.76
N LEU A 72 28.75 1.79 9.91
CA LEU A 72 29.21 2.09 8.54
C LEU A 72 30.19 3.29 8.45
N GLY A 73 30.39 4.02 9.56
CA GLY A 73 31.33 5.16 9.59
C GLY A 73 30.66 6.52 9.74
N PHE A 74 29.35 6.59 9.70
CA PHE A 74 28.69 7.88 9.79
C PHE A 74 28.87 8.61 11.14
N ASP A 75 28.95 9.94 11.06
CA ASP A 75 28.99 10.78 12.26
C ASP A 75 27.54 11.20 12.51
N ILE A 76 26.87 10.44 13.37
CA ILE A 76 25.43 10.54 13.60
C ILE A 76 25.12 10.07 15.03
N SER A 77 24.33 10.86 15.74
CA SER A 77 23.81 10.49 17.07
C SER A 77 22.28 10.50 16.99
N GLU A 78 21.66 9.77 17.90
CA GLU A 78 20.21 9.74 17.99
C GLU A 78 19.58 11.12 18.13
N GLN A 79 20.24 12.04 18.86
CA GLN A 79 19.73 13.39 19.12
C GLN A 79 19.53 14.18 17.82
N GLU A 80 20.18 13.73 16.74
CA GLU A 80 20.12 14.42 15.43
C GLU A 80 19.06 13.90 14.46
N VAL A 81 18.24 12.94 14.90
CA VAL A 81 17.31 12.26 14.02
C VAL A 81 15.84 12.48 14.41
N THR A 82 15.08 12.98 13.46
CA THR A 82 13.63 13.06 13.52
C THR A 82 13.04 11.88 12.73
N ALA A 83 12.27 11.01 13.42
CA ALA A 83 11.70 9.78 12.88
C ALA A 83 10.23 9.64 13.34
N PRO A 84 9.42 8.81 12.64
CA PRO A 84 8.00 8.88 12.92
C PRO A 84 7.53 8.28 14.22
N ALA A 85 8.10 7.15 14.61
CA ALA A 85 7.66 6.45 15.83
C ALA A 85 7.42 7.35 17.06
N PRO A 86 8.42 8.19 17.47
CA PRO A 86 8.17 9.11 18.61
C PRO A 86 7.04 10.12 18.38
N ALA A 87 6.91 10.63 17.17
CA ALA A 87 5.81 11.54 16.84
C ALA A 87 4.46 10.78 16.95
N ALA A 88 4.43 9.54 16.48
CA ALA A 88 3.23 8.69 16.59
C ALA A 88 2.89 8.43 18.07
N CYS A 89 3.90 8.14 18.87
CA CYS A 89 3.70 7.88 20.29
C CYS A 89 3.07 9.05 21.01
N GLN A 90 3.53 10.26 20.70
CA GLN A 90 2.97 11.49 21.29
C GLN A 90 1.48 11.60 20.98
N ILE A 91 1.12 11.28 19.73
CA ILE A 91 -0.23 11.45 19.25
C ILE A 91 -1.13 10.41 19.89
N LEU A 92 -0.63 9.20 20.01
CA LEU A 92 -1.40 8.15 20.64
C LEU A 92 -1.72 8.53 22.07
N LYS A 93 -0.72 9.05 22.77
CA LYS A 93 -0.88 9.50 24.16
C LYS A 93 -1.92 10.62 24.31
N GLU A 94 -1.80 11.66 23.48
CA GLU A 94 -2.72 12.81 23.52
C GLU A 94 -4.19 12.42 23.22
N ARG A 95 -4.41 11.36 22.46
CA ARG A 95 -5.79 10.98 22.09
C ARG A 95 -6.36 9.76 22.79
N GLY A 96 -5.63 9.21 23.75
CA GLY A 96 -6.02 7.99 24.42
C GLY A 96 -6.04 6.82 23.46
N LEU A 97 -5.17 6.82 22.45
CA LEU A 97 -5.16 5.74 21.47
C LEU A 97 -4.22 4.59 21.93
N ARG A 98 -4.69 3.36 21.72
CA ARG A 98 -3.96 2.13 22.03
C ARG A 98 -3.81 1.35 20.73
N PRO A 99 -2.59 1.22 20.19
CA PRO A 99 -2.44 0.69 18.86
C PRO A 99 -2.31 -0.84 18.75
N TYR A 100 -2.95 -1.40 17.75
CA TYR A 100 -2.50 -2.69 17.20
C TYR A 100 -1.34 -2.40 16.23
N LEU A 101 -0.18 -2.99 16.51
CA LEU A 101 1.06 -2.64 15.83
C LEU A 101 1.38 -3.58 14.66
N LEU A 102 1.20 -3.05 13.46
CA LEU A 102 1.53 -3.78 12.26
C LEU A 102 2.94 -3.32 11.83
N ILE A 103 3.93 -3.95 12.46
CA ILE A 103 5.31 -3.48 12.45
C ILE A 103 6.33 -4.62 12.40
N HIS A 104 7.55 -4.26 12.04
CA HIS A 104 8.72 -5.13 12.18
C HIS A 104 9.10 -5.17 13.65
N ASP A 105 9.69 -6.28 14.10
CA ASP A 105 10.08 -6.40 15.50
C ASP A 105 11.15 -5.42 15.91
N GLY A 106 11.98 -5.01 14.96
CA GLY A 106 13.08 -4.12 15.26
C GLY A 106 12.71 -2.72 15.71
N VAL A 107 11.46 -2.29 15.46
CA VAL A 107 10.99 -0.96 15.90
C VAL A 107 10.09 -1.07 17.14
N ARG A 108 9.80 -2.29 17.60
CA ARG A 108 8.84 -2.53 18.69
C ARG A 108 9.21 -1.78 19.97
N SER A 109 10.52 -1.72 20.25
CA SER A 109 11.12 -0.96 21.38
C SER A 109 10.66 0.51 21.45
N GLU A 110 10.42 1.12 20.29
CA GLU A 110 9.95 2.52 20.23
C GLU A 110 8.58 2.71 20.90
N PHE A 111 7.77 1.62 20.96
CA PHE A 111 6.42 1.66 21.51
C PHE A 111 6.34 0.95 22.87
N ASP A 112 7.49 0.74 23.50
CA ASP A 112 7.59 0.13 24.82
C ASP A 112 6.80 0.78 25.92
N GLN A 113 6.49 2.05 25.80
CA GLN A 113 5.78 2.69 26.89
C GLN A 113 4.33 3.07 26.50
N ILE A 114 3.83 2.43 25.42
CA ILE A 114 2.43 2.57 24.99
C ILE A 114 1.62 1.30 25.32
N ASP A 115 0.39 1.48 25.80
CA ASP A 115 -0.52 0.38 26.00
C ASP A 115 -1.09 -0.03 24.65
N THR A 116 -0.86 -1.26 24.23
CA THR A 116 -1.42 -1.81 22.98
C THR A 116 -2.60 -2.74 23.26
N SER A 117 -2.84 -2.98 24.54
CA SER A 117 -3.91 -3.88 24.97
C SER A 117 -5.26 -3.20 24.73
N ASN A 118 -6.21 -4.02 24.32
CA ASN A 118 -7.56 -3.56 23.96
C ASN A 118 -7.53 -2.49 22.88
N PRO A 119 -6.92 -2.79 21.72
CA PRO A 119 -6.55 -1.72 20.78
C PRO A 119 -7.73 -0.99 20.13
N ASN A 120 -7.65 0.33 20.06
CA ASN A 120 -8.69 1.19 19.46
C ASN A 120 -8.23 1.92 18.18
N CYS A 121 -7.10 1.49 17.63
CA CYS A 121 -6.62 1.97 16.35
C CYS A 121 -5.58 0.98 15.82
N VAL A 122 -5.04 1.25 14.64
CA VAL A 122 -3.94 0.46 14.08
C VAL A 122 -2.79 1.41 13.71
N VAL A 123 -1.57 1.02 14.05
CA VAL A 123 -0.37 1.74 13.56
C VAL A 123 0.34 0.81 12.58
N ILE A 124 0.52 1.29 11.35
CA ILE A 124 1.19 0.54 10.28
C ILE A 124 2.53 1.21 9.95
N ALA A 125 3.56 0.39 9.81
CA ALA A 125 4.89 0.90 9.56
C ALA A 125 5.49 0.05 8.45
N ASP A 126 6.77 0.25 8.17
CA ASP A 126 7.50 -0.52 7.16
C ASP A 126 7.80 -1.91 7.72
N ALA A 127 6.84 -2.82 7.54
CA ALA A 127 6.80 -4.06 8.29
C ALA A 127 7.51 -5.22 7.60
N GLY A 128 7.76 -5.05 6.30
CA GLY A 128 8.45 -6.07 5.50
C GLY A 128 7.83 -7.45 5.64
N GLU A 129 8.66 -8.42 6.06
CA GLU A 129 8.22 -9.80 6.22
C GLU A 129 7.03 -9.97 7.17
N SER A 130 6.89 -9.04 8.09
CA SER A 130 5.73 -9.06 9.00
C SER A 130 4.40 -8.66 8.35
N PHE A 131 4.43 -8.17 7.11
CA PHE A 131 3.18 -8.03 6.34
C PHE A 131 2.64 -9.41 5.83
N SER A 132 2.54 -10.36 6.74
CA SER A 132 1.87 -11.62 6.47
C SER A 132 0.37 -11.35 6.26
N TYR A 133 -0.33 -12.29 5.63
CA TYR A 133 -1.79 -12.17 5.53
C TYR A 133 -2.41 -12.18 6.93
N GLN A 134 -1.98 -13.10 7.79
CA GLN A 134 -2.45 -13.14 9.18
C GLN A 134 -2.39 -11.78 9.90
N ASN A 135 -1.21 -11.12 9.93
CA ASN A 135 -1.07 -9.82 10.59
C ASN A 135 -1.90 -8.72 9.92
N MET A 136 -1.92 -8.74 8.59
CA MET A 136 -2.72 -7.76 7.84
C MET A 136 -4.17 -7.99 8.12
N ASN A 137 -4.58 -9.25 8.12
CA ASN A 137 -5.97 -9.59 8.44
C ASN A 137 -6.36 -9.25 9.87
N ASN A 138 -5.46 -9.48 10.82
CA ASN A 138 -5.71 -9.14 12.22
C ASN A 138 -5.92 -7.64 12.39
N ALA A 139 -5.06 -6.85 11.76
CA ALA A 139 -5.19 -5.38 11.76
C ALA A 139 -6.54 -4.95 11.18
N PHE A 140 -6.89 -5.59 10.07
CA PHE A 140 -8.16 -5.37 9.38
C PHE A 140 -9.34 -5.68 10.29
N GLN A 141 -9.28 -6.83 10.98
CA GLN A 141 -10.37 -7.25 11.86
C GLN A 141 -10.48 -6.34 13.07
N VAL A 142 -9.35 -5.84 13.59
CA VAL A 142 -9.39 -4.83 14.65
C VAL A 142 -10.11 -3.58 14.16
N LEU A 143 -9.77 -3.11 12.97
CA LEU A 143 -10.37 -1.87 12.47
C LEU A 143 -11.88 -2.00 12.21
N MET A 144 -12.29 -3.16 11.71
CA MET A 144 -13.69 -3.38 11.35
C MET A 144 -14.62 -3.49 12.55
N GLU A 145 -14.09 -3.73 13.75
CA GLU A 145 -14.94 -3.84 14.95
C GLU A 145 -15.06 -2.54 15.70
N LEU A 146 -14.31 -1.54 15.26
CA LEU A 146 -14.26 -0.28 16.00
C LEU A 146 -15.34 0.70 15.59
N GLU A 147 -15.95 1.30 16.61
CA GLU A 147 -16.92 2.37 16.43
C GLU A 147 -16.28 3.44 15.54
N LYS A 148 -15.15 3.98 15.98
CA LYS A 148 -14.44 5.03 15.25
C LYS A 148 -13.07 4.52 14.80
N PRO A 149 -12.97 4.00 13.56
CA PRO A 149 -11.71 3.38 13.15
C PRO A 149 -10.61 4.40 12.76
N VAL A 150 -9.47 4.30 13.43
CA VAL A 150 -8.34 5.19 13.21
C VAL A 150 -7.15 4.35 12.74
N LEU A 151 -6.55 4.75 11.62
CA LEU A 151 -5.38 4.07 11.06
C LEU A 151 -4.29 5.12 11.00
N ILE A 152 -3.19 4.87 11.70
CA ILE A 152 -2.05 5.78 11.70
C ILE A 152 -0.92 5.09 10.96
N SER A 153 -0.36 5.77 9.95
CA SER A 153 0.65 5.20 9.05
C SER A 153 1.96 5.99 9.18
N LEU A 154 3.07 5.26 9.39
CA LEU A 154 4.39 5.88 9.54
C LEU A 154 5.01 6.04 8.17
N GLY A 155 4.72 7.18 7.56
CA GLY A 155 5.00 7.40 6.14
C GLY A 155 3.92 6.82 5.22
N LYS A 156 4.04 7.08 3.92
CA LYS A 156 3.21 6.46 2.92
C LYS A 156 4.00 6.14 1.65
N GLY A 157 5.28 5.88 1.82
CA GLY A 157 6.19 5.63 0.69
C GLY A 157 5.70 4.42 -0.11
N ARG A 158 5.91 4.45 -1.42
CA ARG A 158 5.52 3.36 -2.28
C ARG A 158 6.52 2.20 -2.16
N TYR A 159 7.79 2.54 -2.29
CA TYR A 159 8.89 1.56 -2.26
C TYR A 159 10.21 2.23 -1.88
N TYR A 160 11.20 1.39 -1.57
CA TYR A 160 12.55 1.89 -1.34
C TYR A 160 13.54 0.90 -1.93
N ALA A 161 14.77 1.35 -2.15
CA ALA A 161 15.82 0.54 -2.70
C ALA A 161 16.49 -0.24 -1.56
N ALA A 162 16.83 -1.48 -1.82
CA ALA A 162 17.56 -2.30 -0.86
C ALA A 162 18.54 -3.09 -1.64
N THR A 163 19.41 -3.80 -0.96
CA THR A 163 20.43 -4.57 -1.66
C THR A 163 19.81 -5.63 -2.59
N SER A 164 18.62 -6.10 -2.24
CA SER A 164 17.88 -7.11 -2.98
C SER A 164 16.84 -6.56 -3.99
N GLY A 165 16.92 -5.24 -4.32
CA GLY A 165 16.13 -4.59 -5.38
C GLY A 165 15.14 -3.57 -4.82
N LEU A 166 14.11 -3.23 -5.57
CA LEU A 166 13.07 -2.38 -5.05
C LEU A 166 12.16 -3.19 -4.15
N MET A 167 11.77 -2.60 -3.03
CA MET A 167 11.02 -3.31 -2.02
C MET A 167 9.78 -2.47 -1.70
N LEU A 168 8.66 -3.18 -1.53
CA LEU A 168 7.40 -2.57 -1.07
C LEU A 168 7.50 -1.99 0.32
N ASP A 169 7.11 -0.73 0.42
CA ASP A 169 7.25 0.05 1.65
C ASP A 169 5.91 0.01 2.39
N VAL A 170 5.69 0.95 3.33
CA VAL A 170 4.47 1.01 4.10
C VAL A 170 3.25 1.40 3.26
N GLY A 171 3.44 2.29 2.30
CA GLY A 171 2.33 2.92 1.55
C GLY A 171 1.32 1.98 0.92
N PRO A 172 1.81 0.98 0.14
CA PRO A 172 0.92 0.05 -0.50
C PRO A 172 0.00 -0.70 0.50
N TYR A 173 0.58 -1.09 1.65
CA TYR A 173 -0.17 -1.78 2.71
C TYR A 173 -1.12 -0.82 3.44
N MET A 174 -0.71 0.44 3.59
CA MET A 174 -1.62 1.50 4.05
C MET A 174 -2.83 1.58 3.10
N LYS A 175 -2.58 1.65 1.80
CA LYS A 175 -3.66 1.76 0.82
C LYS A 175 -4.63 0.56 0.81
N ALA A 176 -4.07 -0.63 1.04
CA ALA A 176 -4.83 -1.86 1.19
C ALA A 176 -5.86 -1.70 2.32
N LEU A 177 -5.40 -1.31 3.52
CA LEU A 177 -6.35 -1.17 4.64
C LEU A 177 -7.33 -0.05 4.39
N GLU A 178 -6.88 1.05 3.84
CA GLU A 178 -7.81 2.15 3.51
C GLU A 178 -8.95 1.65 2.65
N TYR A 179 -8.60 0.90 1.60
CA TYR A 179 -9.61 0.31 0.74
C TYR A 179 -10.45 -0.72 1.47
N ALA A 180 -9.82 -1.60 2.25
CA ALA A 180 -10.55 -2.72 2.87
C ALA A 180 -11.53 -2.22 3.88
N CYS A 181 -11.13 -1.21 4.64
CA CYS A 181 -11.95 -0.65 5.69
C CYS A 181 -12.80 0.56 5.28
N GLY A 182 -12.45 1.22 4.18
CA GLY A 182 -13.17 2.42 3.76
C GLY A 182 -12.84 3.65 4.61
N ILE A 183 -11.57 3.81 4.92
CA ILE A 183 -11.10 4.90 5.76
C ILE A 183 -9.86 5.55 5.13
N LYS A 184 -9.50 6.74 5.60
CA LYS A 184 -8.24 7.39 5.25
C LYS A 184 -7.25 7.36 6.41
N ALA A 185 -6.01 6.94 6.13
CA ALA A 185 -4.95 6.90 7.15
C ALA A 185 -4.49 8.30 7.53
N GLU A 186 -4.03 8.45 8.77
CA GLU A 186 -3.32 9.65 9.20
C GLU A 186 -1.81 9.35 9.09
N VAL A 187 -1.13 10.15 8.28
CA VAL A 187 0.26 9.92 7.96
C VAL A 187 1.13 10.72 8.94
N VAL A 188 1.92 10.00 9.74
CA VAL A 188 2.89 10.62 10.63
C VAL A 188 4.28 10.37 10.01
N GLY A 189 5.03 11.42 9.76
CA GLY A 189 6.23 11.31 8.95
C GLY A 189 6.08 12.11 7.66
N LYS A 190 7.11 12.06 6.83
CA LYS A 190 7.11 12.78 5.54
C LYS A 190 6.02 12.17 4.65
N PRO A 191 5.31 13.01 3.89
CA PRO A 191 5.48 14.43 3.64
C PRO A 191 4.62 15.31 4.50
N SER A 192 4.12 14.83 5.64
CA SER A 192 3.29 15.67 6.48
C SER A 192 4.02 16.92 6.97
N PRO A 193 3.37 18.09 6.79
CA PRO A 193 4.06 19.35 7.12
C PRO A 193 4.57 19.42 8.56
N GLU A 194 3.83 18.86 9.51
CA GLU A 194 4.24 18.92 10.92
C GLU A 194 5.58 18.18 11.14
N PHE A 195 5.83 17.15 10.34
CA PHE A 195 7.04 16.35 10.48
C PHE A 195 8.27 17.20 10.11
N PHE A 196 8.22 17.80 8.92
CA PHE A 196 9.29 18.69 8.46
C PHE A 196 9.46 19.87 9.38
N LYS A 197 8.35 20.46 9.83
CA LYS A 197 8.45 21.59 10.76
C LYS A 197 9.14 21.19 12.07
N SER A 198 8.80 20.02 12.62
CA SER A 198 9.49 19.56 13.85
C SER A 198 11.00 19.42 13.63
N ALA A 199 11.40 18.99 12.43
CA ALA A 199 12.84 18.80 12.13
C ALA A 199 13.54 20.14 11.99
N LEU A 200 12.88 21.09 11.31
CA LEU A 200 13.37 22.46 11.21
C LEU A 200 13.51 23.15 12.58
N GLN A 201 12.50 22.96 13.43
CA GLN A 201 12.50 23.55 14.80
C GLN A 201 13.70 22.97 15.62
N ALA A 202 13.96 21.66 15.47
CA ALA A 202 15.09 21.00 16.17
C ALA A 202 16.43 21.64 15.84
N ILE A 203 16.59 22.18 14.62
CA ILE A 203 17.82 22.90 14.26
C ILE A 203 17.74 24.42 14.26
N GLY A 204 16.60 24.98 14.65
CA GLY A 204 16.48 26.43 14.72
C GLY A 204 16.63 27.15 13.37
N VAL A 205 16.19 26.52 12.29
CA VAL A 205 16.31 27.07 10.95
C VAL A 205 14.91 27.18 10.29
N GLU A 206 14.60 28.34 9.74
CA GLU A 206 13.32 28.49 9.06
C GLU A 206 13.37 27.84 7.66
N ALA A 207 12.20 27.48 7.15
CA ALA A 207 12.05 26.79 5.88
C ALA A 207 12.75 27.44 4.67
N HIS A 208 12.68 28.76 4.54
CA HIS A 208 13.29 29.49 3.39
C HIS A 208 14.82 29.55 3.47
N GLN A 209 15.41 28.99 4.55
CA GLN A 209 16.83 28.92 4.69
C GLN A 209 17.27 27.47 4.81
N ALA A 210 16.37 26.56 4.51
CA ALA A 210 16.64 25.13 4.63
C ALA A 210 16.48 24.42 3.31
N VAL A 211 17.20 23.30 3.20
CA VAL A 211 17.15 22.45 2.03
C VAL A 211 17.01 21.03 2.47
N MET A 212 16.04 20.35 1.89
CA MET A 212 15.85 18.91 2.09
C MET A 212 16.56 18.14 0.97
N ILE A 213 17.29 17.09 1.31
CA ILE A 213 17.92 16.24 0.34
C ILE A 213 17.36 14.80 0.53
N GLY A 214 16.82 14.21 -0.56
CA GLY A 214 16.10 12.95 -0.51
C GLY A 214 16.08 12.15 -1.79
N ASP A 215 15.77 10.85 -1.70
CA ASP A 215 15.59 10.03 -2.89
C ASP A 215 14.11 9.86 -3.36
N ASP A 216 13.14 10.41 -2.62
CA ASP A 216 11.71 10.21 -2.86
C ASP A 216 11.07 11.50 -3.39
N ILE A 217 10.78 11.49 -4.70
CA ILE A 217 10.43 12.71 -5.42
C ILE A 217 9.17 13.33 -4.81
N VAL A 218 8.20 12.50 -4.42
CA VAL A 218 6.95 13.04 -3.85
C VAL A 218 7.07 13.24 -2.34
N GLY A 219 7.59 12.24 -1.65
CA GLY A 219 7.67 12.28 -0.18
C GLY A 219 8.67 13.25 0.42
N ASP A 220 9.88 13.28 -0.15
CA ASP A 220 10.96 14.10 0.35
C ASP A 220 10.89 15.45 -0.32
N VAL A 221 10.93 15.45 -1.68
CA VAL A 221 11.13 16.68 -2.41
C VAL A 221 9.85 17.52 -2.47
N GLY A 222 8.80 16.91 -3.00
CA GLY A 222 7.48 17.56 -3.11
C GLY A 222 7.01 17.95 -1.71
N GLY A 223 7.18 17.04 -0.75
CA GLY A 223 6.80 17.32 0.64
C GLY A 223 7.46 18.55 1.26
N ALA A 224 8.78 18.61 1.18
CA ALA A 224 9.57 19.75 1.67
C ALA A 224 9.19 21.05 0.98
N GLN A 225 9.07 21.00 -0.33
CA GLN A 225 8.74 22.19 -1.07
C GLN A 225 7.39 22.74 -0.64
N ARG A 226 6.46 21.83 -0.35
CA ARG A 226 5.11 22.24 0.12
C ARG A 226 5.15 22.96 1.49
N CYS A 227 6.20 22.68 2.29
CA CYS A 227 6.44 23.40 3.56
C CYS A 227 7.29 24.64 3.41
N GLY A 228 7.62 25.03 2.17
CA GLY A 228 8.39 26.27 1.96
C GLY A 228 9.89 26.11 1.86
N MET A 229 10.38 24.87 1.84
CA MET A 229 11.81 24.62 1.76
C MET A 229 12.24 24.49 0.31
N ARG A 230 13.53 24.41 0.08
CA ARG A 230 14.08 23.99 -1.19
C ARG A 230 14.38 22.53 -1.02
N ALA A 231 14.46 21.78 -2.12
CA ALA A 231 14.75 20.38 -2.06
C ALA A 231 15.51 19.87 -3.25
N LEU A 232 16.43 18.96 -2.95
CA LEU A 232 17.20 18.35 -3.98
C LEU A 232 16.91 16.86 -4.01
N GLN A 233 16.78 16.35 -5.23
CA GLN A 233 16.61 14.93 -5.51
C GLN A 233 17.96 14.29 -5.86
N VAL A 234 18.32 13.22 -5.14
CA VAL A 234 19.47 12.47 -5.45
C VAL A 234 19.12 11.39 -6.47
N ARG A 235 20.14 10.89 -7.17
CA ARG A 235 19.94 9.87 -8.18
C ARG A 235 20.34 8.48 -7.65
N THR A 236 20.73 8.42 -6.38
CA THR A 236 20.94 7.13 -5.71
C THR A 236 19.62 6.63 -5.14
N GLY A 237 19.70 5.56 -4.38
CA GLY A 237 18.51 4.99 -3.74
C GLY A 237 17.38 4.60 -4.70
N LYS A 238 16.15 5.00 -4.40
CA LYS A 238 14.98 4.56 -5.16
C LYS A 238 14.75 5.31 -6.46
N PHE A 239 15.56 6.36 -6.68
CA PHE A 239 15.45 7.21 -7.88
C PHE A 239 15.46 6.41 -9.19
N ARG A 240 14.49 6.70 -10.05
CA ARG A 240 14.50 6.26 -11.45
C ARG A 240 14.45 7.50 -12.38
N PRO A 241 15.04 7.39 -13.57
CA PRO A 241 15.09 8.56 -14.46
C PRO A 241 13.75 9.31 -14.69
N SER A 242 12.60 8.64 -14.74
CA SER A 242 11.31 9.35 -14.88
C SER A 242 11.05 10.39 -13.76
N ASP A 243 11.67 10.20 -12.58
CA ASP A 243 11.55 11.08 -11.39
C ASP A 243 12.16 12.46 -11.60
N GLU A 244 13.05 12.60 -12.57
CA GLU A 244 13.65 13.86 -12.93
C GLU A 244 12.75 14.65 -13.90
N HIS A 245 11.66 14.03 -14.38
CA HIS A 245 10.71 14.62 -15.34
C HIS A 245 9.30 14.31 -14.84
N HIS A 246 9.12 14.47 -13.54
CA HIS A 246 7.90 14.10 -12.86
C HIS A 246 6.83 15.13 -13.21
N PRO A 247 5.59 14.68 -13.46
CA PRO A 247 4.57 15.65 -13.92
C PRO A 247 4.07 16.70 -12.90
N GLU A 248 4.27 16.43 -11.62
CA GLU A 248 3.84 17.28 -10.48
C GLU A 248 5.00 17.99 -9.78
N VAL A 249 6.07 17.27 -9.53
CA VAL A 249 7.19 17.76 -8.73
C VAL A 249 8.46 18.10 -9.56
N LYS A 250 8.87 19.35 -9.50
CA LYS A 250 10.11 19.81 -10.09
C LYS A 250 11.04 20.19 -8.94
N ALA A 251 12.00 19.32 -8.65
CA ALA A 251 12.94 19.58 -7.56
C ALA A 251 13.65 20.88 -7.82
N ASP A 252 14.16 21.51 -6.77
CA ASP A 252 14.97 22.74 -6.97
C ASP A 252 16.31 22.41 -7.64
N GLY A 253 16.73 21.14 -7.58
CA GLY A 253 17.92 20.69 -8.26
C GLY A 253 18.03 19.17 -8.20
N TYR A 254 18.79 18.59 -9.11
CA TYR A 254 19.00 17.12 -9.14
C TYR A 254 20.49 16.90 -9.03
N VAL A 255 20.90 15.95 -8.16
CA VAL A 255 22.30 15.64 -7.94
C VAL A 255 22.52 14.11 -8.00
N ASP A 256 23.73 13.69 -8.32
CA ASP A 256 23.99 12.28 -8.48
C ASP A 256 23.89 11.56 -7.14
N ASN A 257 24.41 12.21 -6.10
CA ASN A 257 24.44 11.67 -4.74
C ASN A 257 24.63 12.77 -3.69
N LEU A 258 24.68 12.37 -2.41
CA LEU A 258 24.84 13.32 -1.33
C LEU A 258 26.16 14.05 -1.52
N ALA A 259 27.22 13.31 -1.90
CA ALA A 259 28.54 13.93 -2.10
C ALA A 259 28.49 15.14 -3.02
N GLU A 260 27.79 15.03 -4.16
CA GLU A 260 27.64 16.14 -5.07
C GLU A 260 26.88 17.31 -4.39
N ALA A 261 25.79 17.00 -3.71
CA ALA A 261 25.01 18.00 -2.98
C ALA A 261 25.88 18.77 -2.03
N VAL A 262 26.69 18.04 -1.26
CA VAL A 262 27.56 18.68 -0.31
C VAL A 262 28.67 19.53 -0.99
N ASP A 263 29.25 19.05 -2.09
CA ASP A 263 30.19 19.85 -2.89
C ASP A 263 29.54 21.20 -3.23
N LEU A 264 28.27 21.15 -3.64
CA LEU A 264 27.60 22.36 -4.10
C LEU A 264 27.22 23.29 -2.96
N LEU A 265 26.71 22.71 -1.88
CA LEU A 265 26.40 23.46 -0.67
C LEU A 265 27.61 24.20 -0.11
N LEU A 266 28.76 23.52 -0.01
CA LEU A 266 29.92 24.15 0.62
C LEU A 266 30.55 25.16 -0.33
N GLN A 267 30.20 25.06 -1.61
CA GLN A 267 30.65 25.98 -2.59
C GLN A 267 29.72 27.21 -2.63
N HIS A 268 28.40 27.03 -2.60
CA HIS A 268 27.41 28.10 -2.83
C HIS A 268 26.52 28.52 -1.66
N ALA A 269 26.33 27.62 -0.69
CA ALA A 269 25.48 27.88 0.50
C ALA A 269 26.24 28.70 1.52
N ASP A 270 25.60 29.02 2.65
CA ASP A 270 26.15 29.94 3.67
C ASP A 270 27.19 29.25 4.57
N LEU B 16 -29.06 -14.78 -11.83
CA LEU B 16 -27.62 -14.99 -11.55
C LEU B 16 -27.36 -15.01 -10.05
N LEU B 17 -26.61 -16.01 -9.58
CA LEU B 17 -26.38 -16.24 -8.18
C LEU B 17 -24.90 -16.12 -7.83
N ASP B 18 -24.61 -15.22 -6.91
CA ASP B 18 -23.31 -15.19 -6.25
C ASP B 18 -23.22 -16.51 -5.42
N ILE B 19 -22.01 -16.95 -5.08
CA ILE B 19 -21.81 -18.19 -4.31
C ILE B 19 -21.44 -17.91 -2.84
N SER B 20 -20.27 -17.34 -2.60
CA SER B 20 -19.84 -17.04 -1.23
C SER B 20 -20.69 -15.94 -0.62
N GLY B 21 -21.27 -16.22 0.55
CA GLY B 21 -22.17 -15.29 1.22
C GLY B 21 -23.64 -15.43 0.83
N VAL B 22 -23.92 -16.32 -0.13
CA VAL B 22 -25.27 -16.54 -0.64
C VAL B 22 -25.60 -18.02 -0.45
N LEU B 23 -24.83 -18.91 -1.08
CA LEU B 23 -24.99 -20.35 -0.85
C LEU B 23 -24.24 -20.81 0.40
N TYR B 24 -23.00 -20.34 0.55
CA TYR B 24 -22.13 -20.87 1.61
C TYR B 24 -21.12 -19.85 2.08
N ASP B 25 -20.53 -20.12 3.24
CA ASP B 25 -19.36 -19.37 3.67
C ASP B 25 -18.17 -20.33 3.82
N SER B 26 -17.06 -19.97 3.18
CA SER B 26 -15.85 -20.80 3.14
C SER B 26 -15.10 -20.84 4.47
N GLY B 27 -14.14 -21.77 4.57
CA GLY B 27 -13.38 -21.97 5.81
C GLY B 27 -12.63 -23.29 5.86
N GLY B 31 -16.13 -25.51 4.21
CA GLY B 31 -16.99 -24.35 4.42
C GLY B 31 -18.29 -24.78 5.04
N THR B 32 -19.27 -23.87 5.05
CA THR B 32 -20.56 -24.15 5.70
C THR B 32 -21.70 -23.55 4.88
N ALA B 33 -22.72 -24.37 4.60
CA ALA B 33 -23.91 -23.95 3.86
C ALA B 33 -24.69 -22.94 4.70
N ILE B 34 -25.20 -21.89 4.04
CA ILE B 34 -26.09 -20.95 4.71
C ILE B 34 -27.46 -21.62 4.79
N ALA B 35 -28.09 -21.57 5.95
CA ALA B 35 -29.37 -22.24 6.17
C ALA B 35 -30.38 -21.87 5.08
N GLY B 36 -31.07 -22.89 4.56
CA GLY B 36 -32.10 -22.70 3.57
C GLY B 36 -31.62 -22.57 2.13
N SER B 37 -30.30 -22.45 1.93
CA SER B 37 -29.77 -22.17 0.60
C SER B 37 -29.66 -23.43 -0.27
N VAL B 38 -29.30 -24.57 0.29
CA VAL B 38 -29.33 -25.83 -0.48
C VAL B 38 -30.74 -26.09 -1.09
N GLU B 39 -31.78 -25.94 -0.27
CA GLU B 39 -33.14 -26.18 -0.72
C GLU B 39 -33.60 -25.08 -1.69
N ALA B 40 -33.11 -23.85 -1.49
CA ALA B 40 -33.46 -22.72 -2.34
C ALA B 40 -32.96 -22.94 -3.77
N VAL B 41 -31.72 -23.41 -3.90
CA VAL B 41 -31.19 -23.80 -5.21
C VAL B 41 -31.98 -24.99 -5.73
N PHE B 53 -24.79 -19.35 -11.84
CA PHE B 53 -23.89 -18.91 -10.80
C PHE B 53 -22.83 -17.97 -11.38
N CYS B 54 -22.78 -16.76 -10.87
CA CYS B 54 -21.82 -15.74 -11.32
C CYS B 54 -20.94 -15.34 -10.13
N THR B 55 -19.72 -15.85 -10.12
CA THR B 55 -18.88 -15.85 -8.95
C THR B 55 -17.53 -15.22 -9.29
N ASN B 56 -16.90 -14.57 -8.31
CA ASN B 56 -15.50 -14.13 -8.44
C ASN B 56 -14.54 -15.10 -7.79
N GLU B 57 -15.06 -16.25 -7.33
CA GLU B 57 -14.25 -17.25 -6.66
C GLU B 57 -12.95 -17.44 -7.41
N SER B 58 -11.82 -17.24 -6.72
CA SER B 58 -10.51 -17.46 -7.30
C SER B 58 -9.51 -18.17 -6.38
N ALA B 59 -9.93 -18.55 -5.17
CA ALA B 59 -9.05 -19.26 -4.23
C ALA B 59 -8.95 -20.73 -4.60
N ALA B 60 -10.03 -21.25 -5.20
CA ALA B 60 -10.13 -22.61 -5.69
C ALA B 60 -10.58 -22.59 -7.15
N SER B 61 -10.11 -23.57 -7.91
CA SER B 61 -10.63 -23.86 -9.27
C SER B 61 -12.13 -24.13 -9.23
N ARG B 62 -12.78 -24.03 -10.39
CA ARG B 62 -14.21 -24.39 -10.51
C ARG B 62 -14.48 -25.80 -10.06
N ALA B 63 -13.65 -26.75 -10.47
CA ALA B 63 -13.84 -28.15 -10.11
C ALA B 63 -13.83 -28.29 -8.59
N GLU B 64 -12.82 -27.70 -7.96
CA GLU B 64 -12.67 -27.77 -6.51
C GLU B 64 -13.80 -27.05 -5.75
N LEU B 65 -14.20 -25.88 -6.24
CA LEU B 65 -15.36 -25.17 -5.69
C LEU B 65 -16.64 -25.98 -5.82
N VAL B 66 -16.92 -26.45 -7.04
CA VAL B 66 -18.13 -27.21 -7.34
C VAL B 66 -18.18 -28.51 -6.52
N GLY B 67 -17.03 -29.16 -6.37
CA GLY B 67 -16.90 -30.29 -5.46
C GLY B 67 -17.27 -29.90 -4.04
N GLN B 68 -16.73 -28.77 -3.56
CA GLN B 68 -16.99 -28.33 -2.17
C GLN B 68 -18.48 -28.08 -1.93
N LEU B 69 -19.13 -27.42 -2.88
CA LEU B 69 -20.58 -27.20 -2.83
C LEU B 69 -21.38 -28.49 -2.94
N THR B 82 -20.02 -19.45 -14.20
CA THR B 82 -19.12 -18.32 -14.58
C THR B 82 -18.15 -17.76 -13.48
N ALA B 83 -16.83 -17.93 -13.69
CA ALA B 83 -15.79 -17.56 -12.74
C ALA B 83 -14.66 -16.80 -13.45
N PRO B 84 -13.81 -16.05 -12.72
CA PRO B 84 -12.87 -15.17 -13.44
C PRO B 84 -11.64 -15.81 -14.09
N ALA B 85 -11.09 -16.87 -13.50
CA ALA B 85 -9.91 -17.54 -14.09
C ALA B 85 -10.03 -17.90 -15.62
N PRO B 86 -11.08 -18.62 -16.07
CA PRO B 86 -11.21 -18.90 -17.51
C PRO B 86 -11.31 -17.63 -18.39
N ALA B 87 -12.02 -16.61 -17.92
CA ALA B 87 -12.11 -15.35 -18.64
C ALA B 87 -10.76 -14.65 -18.68
N ALA B 88 -9.99 -14.75 -17.59
CA ALA B 88 -8.63 -14.23 -17.57
C ALA B 88 -7.76 -14.97 -18.59
N CYS B 89 -7.84 -16.32 -18.55
CA CYS B 89 -7.06 -17.16 -19.46
C CYS B 89 -7.26 -16.74 -20.91
N GLN B 90 -8.51 -16.47 -21.28
CA GLN B 90 -8.84 -16.00 -22.62
C GLN B 90 -8.16 -14.68 -22.96
N ILE B 91 -8.22 -13.73 -22.02
CA ILE B 91 -7.63 -12.40 -22.20
C ILE B 91 -6.09 -12.45 -22.31
N LEU B 92 -5.46 -13.33 -21.51
CA LEU B 92 -4.02 -13.58 -21.59
C LEU B 92 -3.64 -14.12 -22.96
N LYS B 93 -4.33 -15.17 -23.41
CA LYS B 93 -4.04 -15.77 -24.70
C LYS B 93 -4.12 -14.74 -25.82
N GLU B 94 -5.21 -13.97 -25.85
CA GLU B 94 -5.46 -13.00 -26.92
C GLU B 94 -4.40 -11.93 -27.02
N ARG B 95 -3.76 -11.62 -25.90
CA ARG B 95 -2.78 -10.54 -25.91
C ARG B 95 -1.32 -10.96 -25.81
N GLY B 96 -1.06 -12.26 -25.84
CA GLY B 96 0.28 -12.80 -25.70
C GLY B 96 0.82 -12.53 -24.31
N LEU B 97 -0.06 -12.52 -23.32
CA LEU B 97 0.36 -12.25 -21.95
C LEU B 97 0.68 -13.55 -21.22
N ARG B 98 1.79 -13.52 -20.48
CA ARG B 98 2.30 -14.61 -19.65
C ARG B 98 2.27 -14.08 -18.23
N PRO B 99 1.49 -14.71 -17.34
CA PRO B 99 1.32 -14.12 -16.03
C PRO B 99 2.28 -14.66 -14.96
N TYR B 100 2.76 -13.75 -14.12
CA TYR B 100 3.22 -14.07 -12.77
C TYR B 100 1.96 -14.18 -11.89
N LEU B 101 1.76 -15.36 -11.33
CA LEU B 101 0.51 -15.69 -10.65
C LEU B 101 0.61 -15.48 -9.14
N LEU B 102 -0.07 -14.46 -8.68
CA LEU B 102 -0.17 -14.17 -7.28
C LEU B 102 -1.50 -14.73 -6.84
N ILE B 103 -1.48 -16.01 -6.47
CA ILE B 103 -2.67 -16.81 -6.29
C ILE B 103 -2.49 -17.84 -5.18
N HIS B 104 -3.62 -18.40 -4.78
CA HIS B 104 -3.69 -19.56 -3.90
C HIS B 104 -3.40 -20.82 -4.72
N ASP B 105 -2.87 -21.87 -4.09
CA ASP B 105 -2.42 -23.06 -4.80
C ASP B 105 -3.60 -23.79 -5.43
N GLY B 106 -4.75 -23.71 -4.75
CA GLY B 106 -5.98 -24.37 -5.16
C GLY B 106 -6.56 -23.99 -6.52
N VAL B 107 -6.23 -22.80 -7.02
CA VAL B 107 -6.72 -22.32 -8.32
C VAL B 107 -5.64 -22.43 -9.42
N ARG B 108 -4.44 -22.88 -9.07
CA ARG B 108 -3.31 -22.98 -10.00
C ARG B 108 -3.65 -23.82 -11.22
N SER B 109 -4.41 -24.91 -10.99
CA SER B 109 -4.92 -25.80 -12.04
C SER B 109 -5.64 -25.08 -13.20
N GLU B 110 -6.32 -23.98 -12.88
CA GLU B 110 -7.04 -23.17 -13.88
C GLU B 110 -6.14 -22.47 -14.91
N PHE B 111 -4.84 -22.42 -14.59
CA PHE B 111 -3.85 -21.78 -15.47
C PHE B 111 -2.85 -22.81 -16.01
N ASP B 112 -3.19 -24.09 -15.89
CA ASP B 112 -2.37 -25.17 -16.43
C ASP B 112 -2.25 -25.06 -17.95
N ASN B 118 8.82 -16.51 -18.49
CA ASN B 118 9.20 -15.11 -18.77
C ASN B 118 8.01 -14.11 -18.60
N PRO B 119 7.47 -13.96 -17.40
CA PRO B 119 6.19 -13.22 -17.29
C PRO B 119 6.18 -11.73 -17.74
N ASN B 120 5.17 -11.32 -18.51
CA ASN B 120 4.98 -9.92 -18.97
C ASN B 120 3.73 -9.20 -18.41
N CYS B 121 3.18 -9.77 -17.33
CA CYS B 121 2.10 -9.17 -16.56
C CYS B 121 2.01 -9.87 -15.20
N VAL B 122 1.13 -9.39 -14.33
CA VAL B 122 0.82 -10.07 -13.07
C VAL B 122 -0.68 -10.36 -13.06
N VAL B 123 -1.08 -11.56 -12.63
CA VAL B 123 -2.47 -11.89 -12.32
C VAL B 123 -2.63 -12.08 -10.80
N ILE B 124 -3.49 -11.27 -10.19
CA ILE B 124 -3.70 -11.31 -8.75
C ILE B 124 -5.12 -11.82 -8.46
N ALA B 125 -5.22 -12.72 -7.48
CA ALA B 125 -6.48 -13.33 -7.11
C ALA B 125 -6.63 -13.31 -5.61
N ASP B 126 -7.70 -13.97 -5.14
CA ASP B 126 -7.95 -14.14 -3.72
C ASP B 126 -6.94 -15.17 -3.21
N ALA B 127 -5.78 -14.66 -2.80
CA ALA B 127 -4.61 -15.49 -2.50
C ALA B 127 -4.51 -15.88 -1.02
N GLY B 128 -5.17 -15.13 -0.14
CA GLY B 128 -5.13 -15.41 1.29
C GLY B 128 -3.72 -15.51 1.86
N GLU B 129 -3.42 -16.66 2.47
CA GLU B 129 -2.12 -16.90 3.09
C GLU B 129 -0.97 -16.74 2.15
N SER B 130 -1.20 -16.92 0.85
CA SER B 130 -0.16 -16.70 -0.16
C SER B 130 0.15 -15.22 -0.41
N PHE B 131 -0.61 -14.30 0.19
CA PHE B 131 -0.23 -12.87 0.18
C PHE B 131 0.89 -12.61 1.23
N SER B 132 1.95 -13.40 1.15
CA SER B 132 3.16 -13.13 1.89
C SER B 132 3.83 -11.86 1.32
N TYR B 133 4.72 -11.24 2.09
CA TYR B 133 5.48 -10.09 1.60
C TYR B 133 6.38 -10.55 0.45
N GLN B 134 7.04 -11.69 0.63
CA GLN B 134 7.85 -12.26 -0.46
C GLN B 134 7.08 -12.38 -1.78
N ASN B 135 5.89 -12.94 -1.73
CA ASN B 135 5.10 -13.11 -2.96
C ASN B 135 4.63 -11.79 -3.55
N MET B 136 4.17 -10.88 -2.70
CA MET B 136 3.76 -9.56 -3.12
C MET B 136 4.94 -8.77 -3.67
N ASN B 137 6.07 -8.83 -2.98
CA ASN B 137 7.25 -8.15 -3.45
C ASN B 137 7.75 -8.68 -4.78
N ASN B 138 7.68 -9.99 -4.97
CA ASN B 138 8.09 -10.59 -6.24
C ASN B 138 7.19 -10.16 -7.40
N ALA B 139 5.89 -10.12 -7.18
CA ALA B 139 4.94 -9.59 -8.20
C ALA B 139 5.30 -8.13 -8.52
N PHE B 140 5.50 -7.32 -7.47
CA PHE B 140 5.96 -5.95 -7.56
C PHE B 140 7.22 -5.77 -8.38
N GLN B 141 8.22 -6.60 -8.10
CA GLN B 141 9.48 -6.48 -8.81
C GLN B 141 9.34 -6.92 -10.29
N VAL B 142 8.49 -7.89 -10.58
CA VAL B 142 8.16 -8.21 -11.99
C VAL B 142 7.57 -6.94 -12.68
N LEU B 143 6.57 -6.33 -12.06
CA LEU B 143 5.89 -5.19 -12.70
C LEU B 143 6.83 -4.02 -12.94
N MET B 144 7.76 -3.80 -12.00
CA MET B 144 8.65 -2.66 -12.05
C MET B 144 9.77 -2.80 -13.09
N GLU B 145 9.91 -3.98 -13.69
CA GLU B 145 10.86 -4.17 -14.77
C GLU B 145 10.25 -4.22 -16.18
N LEU B 146 8.92 -4.28 -16.27
CA LEU B 146 8.25 -4.34 -17.56
C LEU B 146 8.25 -2.99 -18.29
N GLU B 147 8.53 -3.03 -19.59
CA GLU B 147 8.30 -1.90 -20.50
C GLU B 147 6.86 -1.39 -20.36
N LYS B 148 5.90 -2.32 -20.52
CA LYS B 148 4.47 -2.00 -20.37
C LYS B 148 3.83 -2.82 -19.25
N PRO B 149 3.76 -2.27 -18.02
CA PRO B 149 3.26 -3.08 -16.91
C PRO B 149 1.74 -3.27 -16.93
N VAL B 150 1.28 -4.51 -16.83
CA VAL B 150 -0.14 -4.87 -16.89
C VAL B 150 -0.42 -5.68 -15.62
N LEU B 151 -1.44 -5.27 -14.89
CA LEU B 151 -1.89 -5.99 -13.71
C LEU B 151 -3.33 -6.41 -13.96
N ILE B 152 -3.60 -7.72 -13.94
CA ILE B 152 -4.97 -8.25 -14.16
C ILE B 152 -5.42 -8.77 -12.80
N SER B 153 -6.60 -8.31 -12.38
CA SER B 153 -7.10 -8.66 -11.07
C SER B 153 -8.37 -9.46 -11.23
N LEU B 154 -8.47 -10.58 -10.51
CA LEU B 154 -9.67 -11.42 -10.52
C LEU B 154 -10.60 -10.91 -9.43
N GLY B 155 -11.48 -10.00 -9.83
CA GLY B 155 -12.30 -9.25 -8.89
C GLY B 155 -11.58 -8.08 -8.26
N LYS B 156 -12.35 -7.27 -7.52
CA LYS B 156 -11.75 -6.21 -6.66
C LYS B 156 -12.48 -6.10 -5.32
N GLY B 157 -13.03 -7.22 -4.86
CA GLY B 157 -13.77 -7.22 -3.60
C GLY B 157 -12.87 -6.73 -2.47
N ARG B 158 -13.46 -6.02 -1.52
CA ARG B 158 -12.71 -5.54 -0.36
C ARG B 158 -12.46 -6.68 0.63
N TYR B 159 -13.54 -7.40 0.94
CA TYR B 159 -13.52 -8.49 1.91
C TYR B 159 -14.68 -9.47 1.68
N TYR B 160 -14.61 -10.62 2.36
CA TYR B 160 -15.71 -11.59 2.37
C TYR B 160 -15.82 -12.22 3.76
N ALA B 161 -16.98 -12.83 4.05
CA ALA B 161 -17.24 -13.46 5.33
C ALA B 161 -16.69 -14.88 5.33
N ALA B 162 -16.00 -15.28 6.40
CA ALA B 162 -15.54 -16.66 6.54
C ALA B 162 -15.88 -17.14 7.94
N GLY B 165 -14.34 -14.94 10.55
CA GLY B 165 -14.71 -13.54 10.58
C GLY B 165 -14.59 -12.92 9.20
N LEU B 166 -14.49 -11.59 9.13
CA LEU B 166 -14.28 -10.94 7.83
C LEU B 166 -12.83 -11.12 7.42
N MET B 167 -12.61 -11.34 6.13
CA MET B 167 -11.29 -11.66 5.62
C MET B 167 -10.99 -10.73 4.46
N LEU B 168 -9.75 -10.23 4.41
CA LEU B 168 -9.27 -9.44 3.27
C LEU B 168 -9.31 -10.24 1.96
N ASP B 169 -9.92 -9.65 0.94
CA ASP B 169 -10.11 -10.25 -0.36
C ASP B 169 -9.00 -9.77 -1.31
N VAL B 170 -9.15 -10.00 -2.61
CA VAL B 170 -8.17 -9.58 -3.61
C VAL B 170 -8.01 -8.06 -3.71
N GLY B 171 -9.11 -7.32 -3.52
CA GLY B 171 -9.14 -5.87 -3.78
C GLY B 171 -8.09 -5.05 -3.08
N PRO B 172 -7.92 -5.22 -1.77
CA PRO B 172 -6.90 -4.46 -1.05
C PRO B 172 -5.48 -4.66 -1.57
N TYR B 173 -5.12 -5.90 -1.88
CA TYR B 173 -3.83 -6.24 -2.45
C TYR B 173 -3.68 -5.75 -3.89
N MET B 174 -4.78 -5.74 -4.66
CA MET B 174 -4.80 -5.07 -5.97
C MET B 174 -4.44 -3.59 -5.83
N LYS B 175 -5.09 -2.89 -4.90
CA LYS B 175 -4.84 -1.46 -4.63
C LYS B 175 -3.38 -1.18 -4.18
N ALA B 176 -2.82 -2.10 -3.39
CA ALA B 176 -1.43 -2.02 -2.98
C ALA B 176 -0.51 -1.97 -4.20
N LEU B 177 -0.63 -2.94 -5.11
CA LEU B 177 0.20 -2.91 -6.31
C LEU B 177 -0.09 -1.71 -7.23
N GLU B 178 -1.35 -1.32 -7.39
CA GLU B 178 -1.65 -0.13 -8.16
C GLU B 178 -0.85 1.07 -7.63
N TYR B 179 -0.89 1.26 -6.30
CA TYR B 179 -0.18 2.38 -5.68
C TYR B 179 1.34 2.21 -5.79
N ALA B 180 1.83 1.03 -5.48
CA ALA B 180 3.24 0.73 -5.53
C ALA B 180 3.84 0.95 -6.90
N CYS B 181 3.16 0.45 -7.94
CA CYS B 181 3.64 0.56 -9.31
C CYS B 181 3.18 1.79 -10.08
N GLY B 182 2.19 2.50 -9.59
CA GLY B 182 1.58 3.61 -10.34
C GLY B 182 0.84 3.21 -11.60
N ILE B 183 0.00 2.16 -11.49
CA ILE B 183 -0.81 1.66 -12.58
C ILE B 183 -2.22 1.34 -12.11
N LYS B 184 -3.13 1.14 -13.07
CA LYS B 184 -4.49 0.69 -12.80
C LYS B 184 -4.65 -0.76 -13.25
N ALA B 185 -5.23 -1.58 -12.38
CA ALA B 185 -5.51 -2.98 -12.71
C ALA B 185 -6.67 -3.08 -13.69
N GLU B 186 -6.62 -4.12 -14.54
CA GLU B 186 -7.77 -4.56 -15.30
C GLU B 186 -8.50 -5.59 -14.46
N VAL B 187 -9.79 -5.35 -14.21
CA VAL B 187 -10.59 -6.24 -13.35
C VAL B 187 -11.39 -7.21 -14.21
N VAL B 188 -11.07 -8.49 -14.08
CA VAL B 188 -11.82 -9.55 -14.78
C VAL B 188 -12.66 -10.23 -13.74
N GLY B 189 -13.97 -10.30 -13.95
CA GLY B 189 -14.90 -10.69 -12.89
C GLY B 189 -15.84 -9.55 -12.58
N LYS B 190 -16.71 -9.75 -11.60
CA LYS B 190 -17.67 -8.73 -11.17
C LYS B 190 -16.91 -7.57 -10.56
N PRO B 191 -17.35 -6.32 -10.81
CA PRO B 191 -18.56 -5.85 -11.47
C PRO B 191 -18.36 -5.49 -12.93
N SER B 192 -17.31 -6.02 -13.57
CA SER B 192 -17.12 -5.72 -14.99
C SER B 192 -18.33 -6.16 -15.87
N PRO B 193 -18.80 -5.25 -16.73
CA PRO B 193 -19.98 -5.54 -17.51
C PRO B 193 -19.85 -6.78 -18.44
N GLU B 194 -18.65 -7.02 -18.97
CA GLU B 194 -18.44 -8.21 -19.81
C GLU B 194 -18.61 -9.52 -19.02
N PHE B 195 -18.35 -9.50 -17.71
CA PHE B 195 -18.51 -10.71 -16.91
C PHE B 195 -19.99 -11.05 -16.76
N PHE B 196 -20.79 -10.08 -16.32
CA PHE B 196 -22.24 -10.29 -16.21
C PHE B 196 -22.84 -10.69 -17.55
N LYS B 197 -22.44 -10.00 -18.62
CA LYS B 197 -23.01 -10.29 -19.95
C LYS B 197 -22.68 -11.72 -20.35
N SER B 198 -21.46 -12.18 -20.12
CA SER B 198 -21.14 -13.59 -20.43
C SER B 198 -22.01 -14.58 -19.64
N ALA B 199 -22.38 -14.23 -18.41
CA ALA B 199 -23.20 -15.13 -17.58
C ALA B 199 -24.64 -15.13 -18.08
N LEU B 200 -25.12 -13.95 -18.47
CA LEU B 200 -26.44 -13.83 -19.11
C LEU B 200 -26.54 -14.59 -20.43
N GLN B 201 -25.50 -14.48 -21.26
CA GLN B 201 -25.46 -15.19 -22.56
C GLN B 201 -25.47 -16.70 -22.33
N ALA B 202 -24.77 -17.17 -21.30
CA ALA B 202 -24.75 -18.61 -20.97
C ALA B 202 -26.14 -19.19 -20.70
N ILE B 203 -27.05 -18.37 -20.18
CA ILE B 203 -28.42 -18.82 -19.93
C ILE B 203 -29.46 -18.28 -20.92
N GLY B 204 -29.01 -17.51 -21.92
CA GLY B 204 -29.93 -17.01 -22.95
C GLY B 204 -30.99 -16.05 -22.45
N VAL B 205 -30.65 -15.27 -21.43
CA VAL B 205 -31.59 -14.32 -20.83
C VAL B 205 -31.03 -12.90 -20.95
N GLU B 206 -31.87 -11.95 -21.38
CA GLU B 206 -31.45 -10.54 -21.44
C GLU B 206 -31.45 -9.91 -20.05
N ALA B 207 -30.72 -8.81 -19.90
CA ALA B 207 -30.53 -8.13 -18.60
C ALA B 207 -31.84 -7.67 -17.94
N HIS B 208 -32.75 -7.11 -18.72
CA HIS B 208 -34.05 -6.64 -18.20
C HIS B 208 -34.97 -7.75 -17.69
N GLN B 209 -34.64 -9.00 -17.99
CA GLN B 209 -35.41 -10.16 -17.54
C GLN B 209 -34.59 -11.02 -16.58
N ALA B 210 -33.53 -10.44 -16.03
CA ALA B 210 -32.65 -11.16 -15.12
C ALA B 210 -32.52 -10.43 -13.79
N VAL B 211 -32.15 -11.19 -12.77
CA VAL B 211 -31.93 -10.68 -11.44
C VAL B 211 -30.63 -11.28 -10.93
N MET B 212 -29.80 -10.44 -10.34
CA MET B 212 -28.61 -10.91 -9.67
C MET B 212 -28.92 -10.98 -8.18
N ILE B 213 -28.44 -12.03 -7.50
CA ILE B 213 -28.54 -12.13 -6.05
C ILE B 213 -27.13 -12.28 -5.43
N GLY B 214 -26.78 -11.39 -4.50
CA GLY B 214 -25.42 -11.31 -3.97
C GLY B 214 -25.34 -10.70 -2.59
N ASP B 215 -24.20 -10.86 -1.93
CA ASP B 215 -23.92 -10.23 -0.66
C ASP B 215 -23.01 -8.97 -0.77
N ASP B 216 -22.49 -8.67 -1.96
CA ASP B 216 -21.58 -7.53 -2.14
C ASP B 216 -22.35 -6.36 -2.78
N ILE B 217 -22.59 -5.32 -1.99
CA ILE B 217 -23.48 -4.23 -2.40
C ILE B 217 -22.99 -3.48 -3.65
N VAL B 218 -21.67 -3.34 -3.79
CA VAL B 218 -21.09 -2.65 -4.95
C VAL B 218 -20.79 -3.65 -6.07
N GLY B 219 -20.09 -4.72 -5.72
CA GLY B 219 -19.61 -5.69 -6.69
C GLY B 219 -20.67 -6.49 -7.38
N ASP B 220 -21.67 -6.95 -6.62
CA ASP B 220 -22.76 -7.76 -7.15
C ASP B 220 -23.93 -6.88 -7.56
N VAL B 221 -24.43 -6.10 -6.62
CA VAL B 221 -25.70 -5.40 -6.78
C VAL B 221 -25.55 -4.17 -7.66
N GLY B 222 -24.64 -3.29 -7.28
CA GLY B 222 -24.30 -2.12 -8.09
C GLY B 222 -23.88 -2.53 -9.48
N GLY B 223 -22.98 -3.52 -9.54
CA GLY B 223 -22.45 -4.03 -10.81
C GLY B 223 -23.51 -4.53 -11.78
N ALA B 224 -24.40 -5.39 -11.28
CA ALA B 224 -25.53 -5.92 -12.08
C ALA B 224 -26.48 -4.83 -12.53
N GLN B 225 -26.82 -3.91 -11.63
CA GLN B 225 -27.70 -2.81 -11.98
C GLN B 225 -27.12 -1.95 -13.10
N ARG B 226 -25.80 -1.73 -13.05
CA ARG B 226 -25.11 -0.97 -14.11
C ARG B 226 -25.23 -1.66 -15.49
N CYS B 227 -25.37 -2.98 -15.50
CA CYS B 227 -25.56 -3.76 -16.72
C CYS B 227 -27.01 -3.84 -17.18
N GLY B 228 -27.92 -3.20 -16.46
CA GLY B 228 -29.34 -3.22 -16.82
C GLY B 228 -30.19 -4.31 -16.17
N MET B 229 -29.61 -5.03 -15.20
CA MET B 229 -30.34 -6.07 -14.45
C MET B 229 -31.03 -5.47 -13.23
N ARG B 230 -31.86 -6.28 -12.60
CA ARG B 230 -32.34 -6.00 -11.27
C ARG B 230 -31.42 -6.79 -10.34
N ALA B 231 -31.32 -6.38 -9.08
CA ALA B 231 -30.42 -7.04 -8.14
C ALA B 231 -30.95 -7.03 -6.72
N LEU B 232 -30.74 -8.13 -6.01
CA LEU B 232 -31.17 -8.25 -4.63
C LEU B 232 -29.98 -8.47 -3.72
N GLN B 233 -29.96 -7.74 -2.60
CA GLN B 233 -28.94 -7.87 -1.58
C GLN B 233 -29.42 -8.84 -0.51
N VAL B 234 -28.61 -9.86 -0.22
CA VAL B 234 -28.86 -10.73 0.93
C VAL B 234 -28.21 -10.16 2.21
N ARG B 235 -28.76 -10.53 3.35
CA ARG B 235 -28.24 -10.08 4.64
C ARG B 235 -27.34 -11.13 5.27
N THR B 236 -27.11 -12.23 4.56
CA THR B 236 -26.11 -13.21 4.95
C THR B 236 -24.72 -12.77 4.47
N GLY B 237 -23.72 -13.64 4.64
CA GLY B 237 -22.38 -13.37 4.12
C GLY B 237 -21.78 -12.09 4.67
N LYS B 238 -21.17 -11.29 3.78
CA LYS B 238 -20.41 -10.10 4.20
C LYS B 238 -21.29 -8.90 4.56
N PHE B 239 -22.59 -9.02 4.34
CA PHE B 239 -23.52 -7.91 4.60
C PHE B 239 -23.37 -7.30 5.99
N ARG B 240 -23.32 -5.97 6.01
CA ARG B 240 -23.45 -5.20 7.24
C ARG B 240 -24.64 -4.27 7.09
N PRO B 241 -25.27 -3.89 8.21
CA PRO B 241 -26.42 -2.98 8.25
C PRO B 241 -26.32 -1.74 7.35
N SER B 242 -25.15 -1.10 7.32
CA SER B 242 -24.95 0.11 6.50
C SER B 242 -25.18 -0.15 4.98
N ASP B 243 -24.99 -1.39 4.54
CA ASP B 243 -25.14 -1.76 3.12
C ASP B 243 -26.58 -1.61 2.62
N GLU B 244 -27.51 -1.55 3.55
CA GLU B 244 -28.91 -1.34 3.23
C GLU B 244 -29.26 0.14 3.08
N HIS B 245 -28.30 1.02 3.41
CA HIS B 245 -28.47 2.47 3.34
C HIS B 245 -27.23 3.08 2.71
N HIS B 246 -26.74 2.39 1.67
CA HIS B 246 -25.50 2.74 1.00
C HIS B 246 -25.72 4.04 0.22
N PRO B 247 -24.76 4.96 0.28
CA PRO B 247 -24.95 6.27 -0.37
C PRO B 247 -25.03 6.24 -1.91
N GLU B 248 -24.48 5.20 -2.55
CA GLU B 248 -24.42 5.09 -4.02
C GLU B 248 -25.41 4.08 -4.59
N VAL B 249 -25.55 2.92 -3.95
CA VAL B 249 -26.29 1.79 -4.52
C VAL B 249 -27.54 1.39 -3.71
N LYS B 250 -28.71 1.56 -4.33
CA LYS B 250 -29.99 1.15 -3.76
C LYS B 250 -30.46 -0.12 -4.48
N ALA B 251 -30.35 -1.26 -3.81
CA ALA B 251 -30.74 -2.54 -4.39
C ALA B 251 -32.19 -2.49 -4.78
N ASP B 252 -32.57 -3.31 -5.74
CA ASP B 252 -33.96 -3.41 -6.12
C ASP B 252 -34.80 -4.04 -5.01
N GLY B 253 -34.15 -4.79 -4.13
CA GLY B 253 -34.79 -5.34 -2.93
C GLY B 253 -33.75 -5.91 -1.96
N TYR B 254 -34.13 -6.04 -0.69
CA TYR B 254 -33.24 -6.59 0.33
C TYR B 254 -33.92 -7.80 0.96
N VAL B 255 -33.18 -8.91 1.07
CA VAL B 255 -33.74 -10.17 1.54
C VAL B 255 -32.82 -10.76 2.61
N ASP B 256 -33.37 -11.51 3.56
CA ASP B 256 -32.55 -12.04 4.65
C ASP B 256 -31.56 -13.06 4.12
N ASN B 257 -32.00 -13.91 3.19
CA ASN B 257 -31.16 -14.96 2.61
C ASN B 257 -31.64 -15.40 1.23
N LEU B 258 -30.93 -16.35 0.63
CA LEU B 258 -31.32 -16.88 -0.66
C LEU B 258 -32.70 -17.47 -0.60
N ALA B 259 -33.02 -18.17 0.51
CA ALA B 259 -34.33 -18.83 0.68
C ALA B 259 -35.50 -17.84 0.57
N GLU B 260 -35.35 -16.66 1.18
CA GLU B 260 -36.39 -15.63 1.10
C GLU B 260 -36.53 -15.13 -0.33
N ALA B 261 -35.39 -14.95 -1.01
CA ALA B 261 -35.36 -14.59 -2.42
C ALA B 261 -36.11 -15.63 -3.28
#